data_6JWN
#
_entry.id   6JWN
#
_cell.length_a   32.411
_cell.length_b   46.386
_cell.length_c   61.177
_cell.angle_alpha   87.72
_cell.angle_beta   75.01
_cell.angle_gamma   89.92
#
_symmetry.space_group_name_H-M   'P 1'
#
loop_
_entity.id
_entity.type
_entity.pdbx_description
1 polymer 'SPRY domain-containing SOCS box protein 2'
2 polymer 'Nitric oxide synthase, inducible'
3 water water
#
loop_
_entity_poly.entity_id
_entity_poly.type
_entity_poly.pdbx_seq_one_letter_code
_entity_poly.pdbx_strand_id
1 'polypeptide(L)'
;MGDLSCPEGLEELLSAPPPDLGAQRRHGWNPKDCSENIEVKEGGLYFERRPVAQSTDGARGKRGYSRGLHAWEISWPLEQ
RGTHAVVGVATALAPLQTDHYAALLGSNSESWGWDIGRGKLYHQSKGPGAPQYPAGTQGEQLEVPERLLVVLDMEEGTLG
YAIGGTYLGPAFRGLKGRTLYPAVSAVWGQCQVRIRYLGERGSHHHHHH
;
A,C
2 'polypeptide(L)' RGDINNNVE B,D
#
# COMPACT_ATOMS: atom_id res chain seq x y z
N GLY A 9 -13.69 17.40 26.41
CA GLY A 9 -12.70 18.07 25.52
C GLY A 9 -12.56 17.40 24.15
N LEU A 10 -13.44 16.46 23.79
CA LEU A 10 -13.29 15.74 22.54
C LEU A 10 -13.59 16.63 21.34
N GLU A 11 -14.66 17.43 21.43
CA GLU A 11 -15.03 18.31 20.31
C GLU A 11 -13.83 19.20 19.95
N GLU A 12 -13.21 19.75 20.99
CA GLU A 12 -12.11 20.69 20.83
C GLU A 12 -10.92 19.95 20.23
N LEU A 13 -10.61 18.78 20.79
CA LEU A 13 -9.52 17.93 20.30
C LEU A 13 -9.70 17.69 18.80
N LEU A 14 -10.90 17.35 18.38
CA LEU A 14 -11.15 17.03 16.98
C LEU A 14 -11.19 18.30 16.12
N SER A 15 -11.37 19.48 16.73
CA SER A 15 -11.45 20.74 15.96
C SER A 15 -10.07 21.41 15.85
N ALA A 16 -9.10 20.99 16.66
CA ALA A 16 -7.79 21.64 16.70
C ALA A 16 -7.01 21.34 15.41
N PRO A 17 -5.92 22.09 15.14
CA PRO A 17 -5.10 21.81 13.93
C PRO A 17 -4.52 20.39 13.96
N PRO A 18 -4.71 19.60 12.88
CA PRO A 18 -4.23 18.21 12.81
C PRO A 18 -2.72 18.10 13.00
N PRO A 19 -2.26 17.18 13.87
CA PRO A 19 -0.81 17.00 14.11
C PRO A 19 -0.03 16.80 12.82
N ASP A 20 1.16 17.39 12.73
CA ASP A 20 1.98 17.22 11.53
C ASP A 20 2.59 15.82 11.44
N LEU A 21 3.25 15.51 10.31
CA LEU A 21 3.74 14.16 10.08
C LEU A 21 4.77 13.75 11.15
N GLY A 22 5.59 14.66 11.69
CA GLY A 22 6.56 14.29 12.73
C GLY A 22 5.86 13.74 13.96
N ALA A 23 4.79 14.43 14.36
CA ALA A 23 3.97 14.00 15.51
C ALA A 23 3.35 12.65 15.19
N GLN A 24 2.86 12.51 13.96
CA GLN A 24 2.20 11.25 13.58
C GLN A 24 3.23 10.11 13.65
N ARG A 25 4.47 10.35 13.20
CA ARG A 25 5.51 9.30 13.29
C ARG A 25 5.84 8.95 14.75
N ARG A 26 5.80 9.94 15.64
CA ARG A 26 6.19 9.72 17.04
C ARG A 26 5.18 8.80 17.77
N HIS A 27 3.92 8.93 17.38
CA HIS A 27 2.81 8.18 17.94
C HIS A 27 2.36 7.03 17.03
N GLY A 28 3.03 6.83 15.90
CA GLY A 28 2.56 5.83 14.94
C GLY A 28 3.04 4.41 15.27
N TRP A 29 2.90 3.56 14.28
CA TRP A 29 3.22 2.12 14.50
C TRP A 29 4.70 1.94 14.85
N ASN A 30 4.96 0.98 15.76
CA ASN A 30 6.30 0.76 16.29
C ASN A 30 6.94 -0.41 15.57
N PRO A 31 7.95 -0.14 14.72
CA PRO A 31 8.60 -1.26 14.04
C PRO A 31 9.24 -2.25 15.02
N LYS A 32 9.48 -1.80 16.24
CA LYS A 32 10.06 -2.67 17.26
C LYS A 32 8.98 -3.29 18.15
N ASP A 33 7.70 -3.18 17.84
CA ASP A 33 6.62 -3.78 18.65
C ASP A 33 5.48 -4.13 17.71
N CYS A 34 5.77 -4.99 16.76
CA CYS A 34 4.73 -5.47 15.84
C CYS A 34 5.06 -6.91 15.44
N SER A 35 4.07 -7.58 14.86
CA SER A 35 4.33 -8.90 14.24
C SER A 35 5.55 -8.89 13.32
N GLU A 36 6.25 -10.01 13.32
CA GLU A 36 7.35 -10.25 12.36
C GLU A 36 6.82 -10.23 10.92
N ASN A 37 5.52 -10.36 10.72
CA ASN A 37 4.92 -10.40 9.38
C ASN A 37 4.44 -9.02 8.95
N ILE A 38 4.63 -8.03 9.77
CA ILE A 38 4.23 -6.65 9.41
C ILE A 38 5.47 -5.78 9.11
N GLU A 39 5.37 -4.96 8.07
CA GLU A 39 6.41 -3.99 7.70
C GLU A 39 5.86 -2.59 8.01
N VAL A 40 6.51 -1.87 8.88
CA VAL A 40 6.09 -0.52 9.21
C VAL A 40 6.70 0.42 8.16
N LYS A 41 5.90 1.37 7.64
CA LYS A 41 6.34 2.22 6.57
C LYS A 41 6.37 3.69 7.02
N GLU A 42 7.15 4.49 6.29
CA GLU A 42 7.25 5.93 6.46
C GLU A 42 7.43 6.33 7.94
N GLY A 43 8.24 5.55 8.67
CA GLY A 43 8.62 5.90 10.02
C GLY A 43 7.46 5.81 11.01
N GLY A 44 6.41 5.05 10.67
CA GLY A 44 5.32 4.82 11.58
C GLY A 44 3.94 5.17 11.02
N LEU A 45 3.87 5.85 9.90
CA LEU A 45 2.55 6.37 9.51
C LEU A 45 1.59 5.22 9.15
N TYR A 46 2.08 4.14 8.57
CA TYR A 46 1.20 3.04 8.19
C TYR A 46 2.04 1.75 8.23
N PHE A 47 1.38 0.61 8.15
CA PHE A 47 2.09 -0.63 7.96
C PHE A 47 1.47 -1.39 6.81
N GLU A 48 2.21 -2.41 6.36
CA GLU A 48 1.69 -3.36 5.37
C GLU A 48 1.97 -4.76 5.91
N ARG A 49 0.91 -5.59 5.92
CA ARG A 49 1.04 -7.01 6.30
C ARG A 49 1.45 -7.87 5.11
N ARG A 50 2.51 -8.65 5.31
CA ARG A 50 2.98 -9.59 4.29
C ARG A 50 1.94 -10.69 4.13
N PRO A 51 1.88 -11.32 2.96
CA PRO A 51 0.76 -12.25 2.67
C PRO A 51 0.98 -13.65 3.24
N VAL A 52 1.24 -13.72 4.54
CA VAL A 52 1.51 -14.98 5.19
C VAL A 52 0.18 -15.70 5.43
N ALA A 53 0.11 -16.97 5.06
CA ALA A 53 -1.12 -17.78 5.28
C ALA A 53 -1.26 -18.20 6.74
N GLN A 54 -2.47 -18.33 7.17
CA GLN A 54 -2.84 -18.84 8.47
C GLN A 54 -2.07 -18.11 9.58
N SER A 55 -2.22 -16.78 9.55
CA SER A 55 -1.58 -15.91 10.52
C SER A 55 -2.45 -14.70 10.75
N THR A 56 -2.59 -14.32 12.03
CA THR A 56 -3.11 -12.98 12.42
C THR A 56 -1.97 -12.15 13.01
N ASP A 57 -1.95 -10.87 12.65
CA ASP A 57 -0.75 -10.05 12.87
C ASP A 57 -1.20 -8.68 13.37
N GLY A 58 -0.57 -8.24 14.46
CA GLY A 58 -0.90 -6.96 15.10
C GLY A 58 0.31 -6.03 15.19
N ALA A 59 0.05 -4.77 15.50
CA ALA A 59 1.02 -3.76 15.77
C ALA A 59 0.53 -2.90 16.94
N ARG A 60 1.47 -2.41 17.73
CA ARG A 60 1.22 -1.40 18.74
C ARG A 60 1.83 -0.07 18.29
N GLY A 61 1.16 1.02 18.64
CA GLY A 61 1.80 2.33 18.53
C GLY A 61 3.04 2.43 19.42
N LYS A 62 3.88 3.40 19.10
CA LYS A 62 5.15 3.65 19.84
C LYS A 62 4.90 4.19 21.25
N ARG A 63 3.76 4.83 21.51
CA ARG A 63 3.53 5.51 22.79
C ARG A 63 2.35 4.87 23.50
N GLY A 64 2.54 4.65 24.79
CA GLY A 64 1.46 4.15 25.62
C GLY A 64 0.91 5.25 26.49
N TYR A 65 -0.42 5.26 26.66
CA TYR A 65 -1.13 6.33 27.36
C TYR A 65 -1.70 5.83 28.68
N SER A 66 -1.43 6.56 29.76
CA SER A 66 -1.97 6.20 31.08
C SER A 66 -2.79 7.35 31.67
N ARG A 67 -2.76 8.53 31.04
CA ARG A 67 -3.52 9.69 31.47
C ARG A 67 -3.96 10.47 30.24
N GLY A 68 -4.98 11.29 30.45
CA GLY A 68 -5.46 12.21 29.44
C GLY A 68 -6.39 11.57 28.43
N LEU A 69 -6.91 12.44 27.57
CA LEU A 69 -7.80 12.06 26.50
C LEU A 69 -7.00 12.05 25.20
N HIS A 70 -7.00 10.92 24.50
CA HIS A 70 -6.23 10.75 23.27
C HIS A 70 -7.17 10.36 22.14
N ALA A 71 -6.81 10.75 20.92
CA ALA A 71 -7.59 10.27 19.75
C ALA A 71 -6.63 10.06 18.59
N TRP A 72 -6.93 9.05 17.79
CA TRP A 72 -6.20 8.80 16.56
C TRP A 72 -7.15 8.24 15.50
N GLU A 73 -6.80 8.48 14.22
CA GLU A 73 -7.59 8.03 13.13
C GLU A 73 -6.91 6.79 12.55
N ILE A 74 -7.70 5.73 12.38
CA ILE A 74 -7.29 4.54 11.68
C ILE A 74 -7.90 4.56 10.28
N SER A 75 -7.05 4.36 9.26
CA SER A 75 -7.51 4.19 7.86
C SER A 75 -7.26 2.75 7.44
N TRP A 76 -8.33 2.04 7.10
CA TRP A 76 -8.25 0.62 6.80
C TRP A 76 -9.16 0.34 5.62
N PRO A 77 -8.60 0.26 4.42
CA PRO A 77 -9.45 0.04 3.25
C PRO A 77 -10.43 -1.13 3.36
N LEU A 78 -11.65 -0.92 2.86
CA LEU A 78 -12.71 -1.91 3.04
C LEU A 78 -12.38 -3.23 2.33
N GLU A 79 -11.64 -3.15 1.24
CA GLU A 79 -11.31 -4.34 0.47
C GLU A 79 -10.06 -5.06 1.04
N GLN A 80 -9.49 -4.59 2.18
CA GLN A 80 -8.26 -5.16 2.76
C GLN A 80 -8.53 -5.59 4.22
N ARG A 81 -9.75 -6.07 4.54
CA ARG A 81 -10.09 -6.46 5.90
C ARG A 81 -10.19 -7.97 6.05
N GLY A 82 -10.79 -8.64 5.08
CA GLY A 82 -10.86 -10.09 5.18
C GLY A 82 -11.67 -10.51 6.39
N THR A 83 -11.31 -11.66 6.96
CA THR A 83 -12.19 -12.32 7.93
C THR A 83 -12.19 -11.65 9.30
N HIS A 84 -11.08 -11.01 9.69
CA HIS A 84 -10.90 -10.49 11.04
C HIS A 84 -10.02 -9.22 11.03
N ALA A 85 -10.68 -8.07 11.13
CA ALA A 85 -10.12 -6.76 11.22
C ALA A 85 -10.57 -6.11 12.53
N VAL A 86 -9.66 -5.91 13.47
CA VAL A 86 -10.02 -5.45 14.81
C VAL A 86 -9.16 -4.24 15.17
N VAL A 87 -9.85 -3.21 15.73
CA VAL A 87 -9.26 -1.96 16.03
C VAL A 87 -9.44 -1.63 17.52
N GLY A 88 -8.38 -1.27 18.23
CA GLY A 88 -8.57 -0.97 19.62
C GLY A 88 -7.28 -0.58 20.32
N VAL A 89 -7.04 -1.13 21.52
CA VAL A 89 -5.79 -0.86 22.25
C VAL A 89 -5.31 -2.15 22.90
N ALA A 90 -4.08 -2.04 23.40
CA ALA A 90 -3.44 -3.19 24.06
C ALA A 90 -2.52 -2.65 25.13
N THR A 91 -2.32 -3.47 26.17
CA THR A 91 -1.17 -3.31 27.00
C THR A 91 0.08 -3.75 26.22
N ALA A 92 1.23 -3.50 26.81
CA ALA A 92 2.52 -3.91 26.23
C ALA A 92 2.71 -5.44 26.23
N LEU A 93 1.84 -6.20 26.95
CA LEU A 93 1.95 -7.62 27.07
C LEU A 93 1.03 -8.38 26.11
N ALA A 94 0.23 -7.72 25.28
CA ALA A 94 -0.67 -8.48 24.45
C ALA A 94 0.13 -9.16 23.32
N PRO A 95 -0.13 -10.46 23.03
CA PRO A 95 0.47 -11.10 21.86
C PRO A 95 0.08 -10.42 20.54
N LEU A 96 1.07 -10.26 19.64
CA LEU A 96 0.81 -9.58 18.35
C LEU A 96 0.89 -10.54 17.16
N GLN A 97 1.01 -11.85 17.39
CA GLN A 97 0.98 -12.77 16.24
C GLN A 97 0.43 -14.11 16.76
N THR A 98 -0.38 -14.77 15.93
CA THR A 98 -0.88 -16.13 16.21
C THR A 98 -1.01 -16.87 14.88
N ASP A 99 -0.86 -18.20 14.93
CA ASP A 99 -0.76 -18.96 13.66
C ASP A 99 -2.10 -19.46 13.19
N HIS A 100 -3.12 -18.59 13.19
CA HIS A 100 -4.42 -18.89 12.62
C HIS A 100 -5.16 -17.55 12.42
N TYR A 101 -6.25 -17.56 11.71
CA TYR A 101 -7.02 -16.34 11.48
C TYR A 101 -8.04 -16.18 12.60
N ALA A 102 -7.98 -15.05 13.30
CA ALA A 102 -8.78 -14.84 14.49
C ALA A 102 -8.82 -13.35 14.83
N ALA A 103 -9.75 -13.00 15.73
CA ALA A 103 -9.77 -11.68 16.35
C ALA A 103 -8.75 -11.64 17.50
N LEU A 104 -7.48 -11.54 17.11
CA LEU A 104 -6.37 -11.65 18.07
C LEU A 104 -6.45 -10.49 19.06
N LEU A 105 -6.70 -9.27 18.55
CA LEU A 105 -6.87 -8.15 19.46
C LEU A 105 -8.21 -8.28 20.18
N GLY A 106 -8.16 -8.42 21.50
CA GLY A 106 -9.40 -8.63 22.27
C GLY A 106 -9.57 -10.07 22.72
N SER A 107 -8.63 -10.96 22.34
CA SER A 107 -8.72 -12.40 22.67
C SER A 107 -8.12 -12.74 24.05
N ASN A 108 -7.79 -11.76 24.84
CA ASN A 108 -7.02 -11.98 26.05
C ASN A 108 -7.29 -10.83 27.01
N SER A 109 -6.62 -10.90 28.18
CA SER A 109 -6.75 -9.93 29.25
C SER A 109 -6.03 -8.63 28.93
N GLU A 110 -5.23 -8.60 27.82
CA GLU A 110 -4.30 -7.53 27.55
C GLU A 110 -4.76 -6.65 26.41
N SER A 111 -5.97 -6.85 25.87
CA SER A 111 -6.33 -6.15 24.68
C SER A 111 -7.85 -5.96 24.58
N TRP A 112 -8.27 -4.87 23.90
CA TRP A 112 -9.65 -4.45 23.77
C TRP A 112 -9.87 -4.03 22.32
N GLY A 113 -10.84 -4.60 21.62
CA GLY A 113 -11.01 -4.25 20.20
C GLY A 113 -12.43 -4.27 19.70
N TRP A 114 -12.64 -3.47 18.68
CA TRP A 114 -13.88 -3.49 17.91
C TRP A 114 -13.61 -4.15 16.55
N ASP A 115 -14.42 -5.16 16.27
CA ASP A 115 -14.41 -5.89 15.00
C ASP A 115 -15.10 -4.95 14.00
N ILE A 116 -14.36 -4.39 13.05
CA ILE A 116 -14.92 -3.38 12.18
C ILE A 116 -15.66 -4.05 11.01
N GLY A 117 -15.61 -5.36 10.94
CA GLY A 117 -16.42 -6.06 9.97
C GLY A 117 -17.72 -6.53 10.56
N ARG A 118 -17.71 -6.97 11.80
CA ARG A 118 -18.92 -7.59 12.41
C ARG A 118 -19.60 -6.69 13.42
N GLY A 119 -18.91 -5.65 13.89
CA GLY A 119 -19.49 -4.73 14.89
C GLY A 119 -19.29 -5.18 16.34
N LYS A 120 -18.68 -6.33 16.61
CA LYS A 120 -18.58 -6.86 17.98
C LYS A 120 -17.40 -6.26 18.74
N LEU A 121 -17.54 -6.27 20.08
CA LEU A 121 -16.48 -5.85 20.98
C LEU A 121 -15.81 -7.08 21.62
N TYR A 122 -14.48 -7.07 21.63
CA TYR A 122 -13.73 -8.19 22.17
C TYR A 122 -12.85 -7.70 23.32
N HIS A 123 -13.03 -8.32 24.47
CA HIS A 123 -12.05 -8.31 25.56
C HIS A 123 -12.14 -9.67 26.27
N GLN A 124 -11.01 -10.34 26.45
CA GLN A 124 -10.97 -11.74 26.94
C GLN A 124 -11.99 -12.61 26.18
N SER A 125 -12.07 -12.45 24.87
CA SER A 125 -13.13 -13.08 24.06
C SER A 125 -12.54 -13.88 22.89
N LYS A 126 -13.12 -15.07 22.67
CA LYS A 126 -12.80 -15.89 21.51
C LYS A 126 -13.75 -15.59 20.34
N GLY A 127 -14.73 -14.70 20.56
CA GLY A 127 -15.74 -14.27 19.59
C GLY A 127 -17.14 -14.52 20.13
N PRO A 128 -17.40 -15.79 20.49
CA PRO A 128 -18.74 -16.11 20.97
C PRO A 128 -19.10 -15.27 22.19
N GLY A 129 -20.29 -14.71 22.18
CA GLY A 129 -20.85 -14.00 23.30
C GLY A 129 -20.53 -12.53 23.27
N ALA A 130 -19.72 -12.08 22.29
CA ALA A 130 -19.32 -10.67 22.23
C ALA A 130 -20.51 -9.78 21.89
N PRO A 131 -20.59 -8.63 22.56
CA PRO A 131 -21.71 -7.70 22.33
C PRO A 131 -21.48 -6.85 21.08
N GLN A 132 -22.54 -6.24 20.57
CA GLN A 132 -22.48 -5.31 19.43
C GLN A 132 -22.24 -3.89 19.89
N TYR A 133 -21.56 -3.12 19.05
CA TYR A 133 -21.31 -1.74 19.26
C TYR A 133 -21.43 -1.06 17.89
N PRO A 134 -22.12 0.08 17.78
CA PRO A 134 -22.76 0.77 18.87
C PRO A 134 -23.92 -0.03 19.49
N ALA A 135 -24.25 0.32 20.73
CA ALA A 135 -25.30 -0.39 21.46
C ALA A 135 -26.56 -0.47 20.59
N GLY A 136 -27.09 -1.69 20.54
CA GLY A 136 -28.39 -1.96 19.96
C GLY A 136 -28.37 -2.07 18.44
N THR A 137 -27.19 -2.09 17.83
CA THR A 137 -27.12 -2.26 16.38
C THR A 137 -26.83 -3.73 16.05
N GLN A 138 -27.00 -4.07 14.77
CA GLN A 138 -26.58 -5.34 14.23
C GLN A 138 -25.49 -5.06 13.20
N GLY A 139 -24.48 -5.94 13.15
CA GLY A 139 -23.33 -5.78 12.29
C GLY A 139 -23.73 -5.62 10.82
N GLU A 140 -24.78 -6.31 10.40
CA GLU A 140 -25.09 -6.44 9.00
C GLU A 140 -25.85 -5.18 8.53
N GLN A 141 -26.21 -4.30 9.47
CA GLN A 141 -26.87 -3.02 9.14
C GLN A 141 -25.89 -1.86 9.11
N LEU A 142 -24.61 -2.12 9.36
CA LEU A 142 -23.64 -1.07 9.32
C LEU A 142 -22.47 -1.47 8.43
N GLU A 143 -21.76 -0.42 8.02
CA GLU A 143 -20.50 -0.58 7.36
C GLU A 143 -19.56 0.49 7.92
N VAL A 144 -18.53 0.02 8.58
CA VAL A 144 -17.51 0.92 9.08
C VAL A 144 -16.72 1.39 7.88
N PRO A 145 -16.67 2.70 7.61
CA PRO A 145 -16.01 3.24 6.44
C PRO A 145 -14.49 3.16 6.60
N GLU A 146 -13.73 3.57 5.58
CA GLU A 146 -12.30 3.40 5.57
C GLU A 146 -11.66 4.07 6.78
N ARG A 147 -12.13 5.27 7.15
CA ARG A 147 -11.58 6.06 8.26
C ARG A 147 -12.49 5.99 9.48
N LEU A 148 -11.94 5.66 10.64
CA LEU A 148 -12.63 5.71 11.90
C LEU A 148 -11.68 6.32 12.94
N LEU A 149 -12.25 6.97 13.95
CA LEU A 149 -11.47 7.54 15.05
C LEU A 149 -11.57 6.64 16.26
N VAL A 150 -10.44 6.53 16.98
CA VAL A 150 -10.34 5.80 18.19
C VAL A 150 -10.11 6.81 19.32
N VAL A 151 -10.93 6.74 20.35
CA VAL A 151 -10.97 7.76 21.38
C VAL A 151 -10.72 7.08 22.71
N LEU A 152 -9.55 7.33 23.30
CA LEU A 152 -9.19 6.72 24.57
C LEU A 152 -9.14 7.80 25.66
N ASP A 153 -10.07 7.69 26.61
CA ASP A 153 -10.14 8.66 27.73
C ASP A 153 -9.55 7.96 28.97
N MET A 154 -8.30 8.27 29.30
CA MET A 154 -7.69 7.62 30.40
C MET A 154 -7.96 8.36 31.72
N GLU A 155 -8.68 9.44 31.66
CA GLU A 155 -9.18 10.08 32.89
C GLU A 155 -10.44 9.36 33.39
N GLU A 156 -11.37 9.01 32.48
CA GLU A 156 -12.57 8.23 32.80
C GLU A 156 -12.29 6.73 32.73
N GLY A 157 -11.25 6.33 31.94
CA GLY A 157 -10.92 4.96 31.73
C GLY A 157 -11.83 4.30 30.71
N THR A 158 -12.10 5.00 29.62
CA THR A 158 -12.96 4.43 28.58
C THR A 158 -12.22 4.41 27.23
N LEU A 159 -12.65 3.48 26.39
CA LEU A 159 -12.32 3.47 24.97
C LEU A 159 -13.60 3.50 24.17
N GLY A 160 -13.66 4.37 23.18
CA GLY A 160 -14.77 4.41 22.26
C GLY A 160 -14.32 4.87 20.88
N TYR A 161 -15.26 5.12 19.97
CA TYR A 161 -14.92 5.31 18.56
C TYR A 161 -15.79 6.43 18.02
N ALA A 162 -15.32 7.08 16.97
CA ALA A 162 -16.15 8.09 16.29
C ALA A 162 -16.06 7.90 14.77
N ILE A 163 -17.15 8.21 14.06
CA ILE A 163 -17.20 7.99 12.61
C ILE A 163 -17.80 9.25 11.99
N GLY A 164 -17.26 9.78 10.91
CA GLY A 164 -18.03 10.82 10.18
C GLY A 164 -18.77 11.79 11.11
N GLY A 165 -17.88 12.55 11.77
CA GLY A 165 -18.14 13.63 12.75
C GLY A 165 -17.94 13.20 14.21
N THR A 166 -18.32 11.97 14.50
CA THR A 166 -19.35 11.80 15.51
C THR A 166 -19.06 10.64 16.47
N TYR A 167 -19.05 10.93 17.79
CA TYR A 167 -18.70 9.93 18.82
C TYR A 167 -19.85 8.93 19.03
N LEU A 168 -19.54 7.64 19.02
CA LEU A 168 -20.55 6.56 19.11
C LEU A 168 -20.74 6.07 20.55
N GLY A 169 -20.10 6.70 21.52
CA GLY A 169 -20.23 6.31 22.92
C GLY A 169 -19.10 5.43 23.41
N PRO A 170 -18.98 5.24 24.75
CA PRO A 170 -17.97 4.35 25.27
C PRO A 170 -18.29 2.90 24.88
N ALA A 171 -17.27 2.14 24.47
CA ALA A 171 -17.37 0.76 24.17
C ALA A 171 -16.84 -0.05 25.35
N PHE A 172 -15.75 0.39 25.93
CA PHE A 172 -15.17 -0.32 27.02
C PHE A 172 -14.96 0.67 28.15
N ARG A 173 -15.02 0.12 29.35
CA ARG A 173 -14.73 0.87 30.54
C ARG A 173 -13.74 0.09 31.42
N GLY A 174 -13.36 0.73 32.54
CA GLY A 174 -12.52 0.09 33.55
C GLY A 174 -11.04 0.08 33.20
N LEU A 175 -10.59 1.04 32.39
CA LEU A 175 -9.23 1.04 31.87
C LEU A 175 -8.29 1.92 32.71
N LYS A 176 -8.81 2.69 33.67
CA LYS A 176 -7.96 3.63 34.40
C LYS A 176 -6.91 2.84 35.22
N GLY A 177 -5.68 3.33 35.22
CA GLY A 177 -4.58 2.63 35.90
C GLY A 177 -3.64 1.90 34.97
N ARG A 178 -4.07 1.63 33.74
CA ARG A 178 -3.25 0.85 32.84
C ARG A 178 -2.49 1.80 31.91
N THR A 179 -1.56 1.24 31.17
CA THR A 179 -0.88 1.97 30.17
C THR A 179 -1.22 1.29 28.84
N LEU A 180 -1.89 2.00 27.92
CA LEU A 180 -2.50 1.36 26.75
C LEU A 180 -1.96 2.00 25.47
N TYR A 181 -1.76 1.16 24.48
CA TYR A 181 -1.15 1.48 23.21
C TYR A 181 -2.17 1.29 22.09
N PRO A 182 -2.22 2.23 21.13
CA PRO A 182 -2.96 1.96 19.93
C PRO A 182 -2.63 0.58 19.35
N ALA A 183 -3.63 -0.16 18.87
CA ALA A 183 -3.38 -1.48 18.37
C ALA A 183 -4.43 -1.86 17.33
N VAL A 184 -4.02 -2.77 16.47
CA VAL A 184 -4.94 -3.46 15.56
C VAL A 184 -4.49 -4.91 15.44
N SER A 185 -5.38 -5.79 14.95
CA SER A 185 -4.95 -7.09 14.41
C SER A 185 -5.63 -7.34 13.06
N ALA A 186 -4.83 -7.88 12.14
CA ALA A 186 -5.15 -8.02 10.72
C ALA A 186 -4.80 -9.43 10.22
N VAL A 187 -5.52 -9.86 9.19
CA VAL A 187 -5.33 -11.15 8.53
C VAL A 187 -5.13 -11.03 7.02
N TRP A 188 -5.28 -9.85 6.42
CA TRP A 188 -5.36 -9.74 4.96
C TRP A 188 -3.98 -9.49 4.34
N GLY A 189 -3.62 -10.31 3.34
CA GLY A 189 -2.39 -10.14 2.60
C GLY A 189 -2.29 -8.76 1.96
N GLN A 190 -1.22 -8.02 2.25
CA GLN A 190 -0.97 -6.68 1.65
C GLN A 190 -1.88 -5.62 2.28
N CYS A 191 -2.61 -5.91 3.35
CA CYS A 191 -3.39 -4.80 3.88
C CYS A 191 -2.47 -3.68 4.39
N GLN A 192 -2.98 -2.46 4.18
CA GLN A 192 -2.26 -1.27 4.52
C GLN A 192 -3.11 -0.45 5.48
N VAL A 193 -2.59 -0.29 6.68
CA VAL A 193 -3.36 0.35 7.74
C VAL A 193 -2.61 1.57 8.28
N ARG A 194 -3.25 2.73 8.11
CA ARG A 194 -2.66 4.01 8.54
C ARG A 194 -3.14 4.36 9.95
N ILE A 195 -2.23 4.92 10.74
CA ILE A 195 -2.61 5.55 12.03
C ILE A 195 -2.16 7.01 12.00
N ARG A 196 -3.13 7.91 12.26
CA ARG A 196 -2.89 9.33 12.32
C ARG A 196 -3.30 9.84 13.69
N TYR A 197 -2.30 10.05 14.57
CA TYR A 197 -2.58 10.54 15.90
C TYR A 197 -3.10 11.98 15.80
N LEU A 198 -4.16 12.25 16.54
CA LEU A 198 -4.82 13.58 16.51
C LEU A 198 -4.49 14.39 17.77
N GLY A 199 -3.95 13.81 18.80
CA GLY A 199 -3.51 14.59 19.93
C GLY A 199 -4.13 14.18 21.24
N GLU A 200 -3.77 14.99 22.27
CA GLU A 200 -4.03 14.72 23.66
C GLU A 200 -4.68 15.96 24.31
N ARG A 201 -5.61 15.73 25.18
CA ARG A 201 -6.18 16.81 25.98
C ARG A 201 -6.05 16.42 27.46
N ARG B 1 -0.39 -22.00 -2.93
CA ARG B 1 -1.32 -22.82 -3.81
C ARG B 1 -2.79 -22.28 -3.73
N GLY B 2 -3.15 -21.53 -2.67
CA GLY B 2 -4.05 -20.30 -2.76
C GLY B 2 -4.85 -20.10 -1.49
N ASP B 3 -4.60 -19.07 -0.65
CA ASP B 3 -5.37 -19.02 0.54
C ASP B 3 -6.48 -17.97 0.44
N ILE B 4 -7.45 -18.10 1.35
CA ILE B 4 -8.34 -16.99 1.65
C ILE B 4 -7.51 -15.89 2.31
N ASN B 5 -8.15 -14.74 2.44
CA ASN B 5 -7.57 -13.54 3.09
C ASN B 5 -6.40 -12.99 2.29
N ASN B 6 -6.35 -13.29 0.97
CA ASN B 6 -5.31 -12.75 0.10
C ASN B 6 -3.90 -13.16 0.52
N ASN B 7 -3.74 -14.37 1.04
CA ASN B 7 -2.45 -14.86 1.48
C ASN B 7 -1.97 -15.96 0.54
N VAL B 8 -0.70 -16.25 0.65
CA VAL B 8 -0.04 -17.18 -0.28
C VAL B 8 -0.71 -18.55 -0.19
N GLU B 9 -0.58 -19.17 -1.34
CA GLU B 9 -1.36 -20.17 -1.80
C GLU B 9 -0.72 -21.58 -1.72
N GLY C 9 18.34 -12.62 -29.48
CA GLY C 9 19.12 -11.39 -29.76
C GLY C 9 19.26 -10.46 -28.55
N LEU C 10 18.85 -10.85 -27.36
CA LEU C 10 18.86 -9.91 -26.23
C LEU C 10 20.30 -9.60 -25.78
N GLU C 11 21.15 -10.61 -25.69
CA GLU C 11 22.54 -10.39 -25.28
C GLU C 11 23.20 -9.34 -26.19
N GLU C 12 22.96 -9.50 -27.48
CA GLU C 12 23.57 -8.63 -28.49
C GLU C 12 23.00 -7.22 -28.34
N LEU C 13 21.67 -7.12 -28.21
CA LEU C 13 20.98 -5.85 -28.00
C LEU C 13 21.63 -5.12 -26.83
N LEU C 14 21.83 -5.83 -25.72
CA LEU C 14 22.35 -5.19 -24.52
C LEU C 14 23.86 -4.94 -24.63
N SER C 15 24.54 -5.59 -25.58
CA SER C 15 26.00 -5.40 -25.74
C SER C 15 26.32 -4.28 -26.74
N ALA C 16 25.34 -3.86 -27.54
CA ALA C 16 25.58 -2.84 -28.56
C ALA C 16 25.77 -1.47 -27.88
N PRO C 17 26.34 -0.49 -28.62
CA PRO C 17 26.52 0.87 -28.10
C PRO C 17 25.16 1.50 -27.72
N PRO C 18 25.03 2.04 -26.49
CA PRO C 18 23.80 2.66 -25.99
C PRO C 18 23.28 3.80 -26.88
N PRO C 19 21.98 3.79 -27.23
CA PRO C 19 21.34 4.91 -27.95
C PRO C 19 21.63 6.27 -27.32
N ASP C 20 21.91 7.27 -28.15
CA ASP C 20 22.30 8.58 -27.64
C ASP C 20 21.10 9.38 -27.10
N LEU C 21 21.32 10.56 -26.51
CA LEU C 21 20.24 11.29 -25.87
C LEU C 21 19.13 11.66 -26.85
N GLY C 22 19.43 11.95 -28.12
CA GLY C 22 18.34 12.31 -29.07
C GLY C 22 17.40 11.14 -29.25
N ALA C 23 17.97 9.94 -29.39
CA ALA C 23 17.17 8.70 -29.54
C ALA C 23 16.40 8.46 -28.23
N GLN C 24 17.06 8.71 -27.08
CA GLN C 24 16.35 8.51 -25.79
C GLN C 24 15.16 9.47 -25.71
N ARG C 25 15.30 10.72 -26.17
CA ARG C 25 14.15 11.67 -26.15
C ARG C 25 13.05 11.19 -27.09
N ARG C 26 13.42 10.59 -28.24
CA ARG C 26 12.43 10.17 -29.24
C ARG C 26 11.55 9.03 -28.70
N HIS C 27 12.13 8.20 -27.89
CA HIS C 27 11.51 7.01 -27.32
C HIS C 27 11.12 7.24 -25.85
N GLY C 28 11.34 8.43 -25.31
CA GLY C 28 11.11 8.67 -23.89
C GLY C 28 9.67 9.07 -23.60
N TRP C 29 9.50 9.62 -22.41
CA TRP C 29 8.13 9.91 -21.96
C TRP C 29 7.46 10.98 -22.83
N ASN C 30 6.15 10.81 -23.03
CA ASN C 30 5.40 11.67 -23.94
C ASN C 30 4.66 12.74 -23.14
N PRO C 31 5.11 14.01 -23.27
CA PRO C 31 4.38 15.04 -22.53
C PRO C 31 2.92 15.17 -22.95
N LYS C 32 2.60 14.65 -24.13
CA LYS C 32 1.22 14.69 -24.60
C LYS C 32 0.47 13.39 -24.32
N ASP C 33 1.01 12.49 -23.52
CA ASP C 33 0.35 11.22 -23.19
C ASP C 33 0.79 10.84 -21.79
N CYS C 34 0.44 11.67 -20.82
CA CYS C 34 0.76 11.36 -19.45
C CYS C 34 -0.29 12.00 -18.54
N SER C 35 -0.32 11.59 -17.29
CA SER C 35 -1.17 12.29 -16.30
C SER C 35 -0.94 13.80 -16.29
N GLU C 36 -2.03 14.51 -16.02
CA GLU C 36 -1.96 15.96 -15.85
C GLU C 36 -1.08 16.32 -14.63
N ASN C 37 -0.81 15.35 -13.76
CA ASN C 37 -0.02 15.61 -12.55
C ASN C 37 1.45 15.27 -12.76
N ILE C 38 1.82 14.87 -13.94
CA ILE C 38 3.22 14.58 -14.27
C ILE C 38 3.83 15.66 -15.18
N GLU C 39 5.06 16.05 -14.89
CA GLU C 39 5.80 16.99 -15.72
C GLU C 39 6.94 16.21 -16.40
N VAL C 40 6.94 16.18 -17.71
CA VAL C 40 8.00 15.49 -18.44
C VAL C 40 9.19 16.46 -18.60
N LYS C 41 10.40 15.95 -18.37
CA LYS C 41 11.58 16.81 -18.33
C LYS C 41 12.56 16.41 -19.46
N GLU C 42 13.43 17.38 -19.81
CA GLU C 42 14.52 17.21 -20.79
C GLU C 42 14.02 16.48 -22.06
N GLY C 43 12.84 16.84 -22.52
CA GLY C 43 12.35 16.36 -23.80
C GLY C 43 12.03 14.88 -23.81
N GLY C 44 11.82 14.30 -22.62
CA GLY C 44 11.36 12.93 -22.51
C GLY C 44 12.25 12.06 -21.66
N LEU C 45 13.43 12.53 -21.25
CA LEU C 45 14.35 11.61 -20.58
C LEU C 45 13.80 11.13 -19.24
N TYR C 46 13.09 11.97 -18.51
CA TYR C 46 12.55 11.59 -17.21
C TYR C 46 11.29 12.43 -16.94
N PHE C 47 10.53 12.04 -15.93
CA PHE C 47 9.44 12.89 -15.51
C PHE C 47 9.52 13.08 -14.00
N GLU C 48 8.75 14.07 -13.52
CA GLU C 48 8.56 14.29 -12.09
C GLU C 48 7.06 14.38 -11.83
N ARG C 49 6.61 13.60 -10.86
CA ARG C 49 5.19 13.64 -10.41
C ARG C 49 4.99 14.74 -9.35
N ARG C 50 4.00 15.59 -9.57
CA ARG C 50 3.65 16.64 -8.61
C ARG C 50 3.07 15.98 -7.36
N PRO C 51 3.14 16.67 -6.22
CA PRO C 51 2.77 16.02 -4.93
C PRO C 51 1.27 16.02 -4.66
N VAL C 52 0.50 15.55 -5.62
CA VAL C 52 -0.95 15.56 -5.51
C VAL C 52 -1.36 14.42 -4.60
N ALA C 53 -2.21 14.68 -3.60
CA ALA C 53 -2.71 13.68 -2.68
C ALA C 53 -3.78 12.81 -3.34
N GLN C 54 -3.82 11.56 -2.96
CA GLN C 54 -4.84 10.62 -3.33
C GLN C 54 -4.97 10.58 -4.85
N SER C 55 -3.83 10.33 -5.51
CA SER C 55 -3.76 10.25 -6.94
C SER C 55 -2.69 9.23 -7.30
N THR C 56 -2.98 8.40 -8.32
CA THR C 56 -1.98 7.59 -9.03
C THR C 56 -1.85 8.12 -10.46
N ASP C 57 -0.59 8.18 -10.93
CA ASP C 57 -0.28 8.95 -12.13
C ASP C 57 0.69 8.16 -12.99
N GLY C 58 0.37 8.02 -14.28
CA GLY C 58 1.20 7.28 -15.22
C GLY C 58 1.65 8.12 -16.40
N ALA C 59 2.57 7.56 -17.18
CA ALA C 59 3.08 8.14 -18.42
C ALA C 59 3.31 7.00 -19.41
N ARG C 60 3.10 7.31 -20.68
CA ARG C 60 3.48 6.42 -21.78
C ARG C 60 4.67 7.00 -22.52
N GLY C 61 5.51 6.14 -23.04
CA GLY C 61 6.51 6.55 -24.00
C GLY C 61 5.89 7.11 -25.28
N LYS C 62 6.69 7.83 -26.05
CA LYS C 62 6.24 8.46 -27.30
C LYS C 62 6.02 7.44 -28.41
N ARG C 63 6.67 6.29 -28.35
CA ARG C 63 6.67 5.33 -29.43
C ARG C 63 6.03 4.03 -28.93
N GLY C 64 5.12 3.54 -29.76
CA GLY C 64 4.54 2.24 -29.52
C GLY C 64 5.19 1.21 -30.42
N TYR C 65 5.40 0.01 -29.85
CA TYR C 65 6.11 -1.09 -30.53
C TYR C 65 5.13 -2.22 -30.85
N SER C 66 5.16 -2.69 -32.08
CA SER C 66 4.28 -3.81 -32.49
C SER C 66 5.11 -4.96 -33.10
N ARG C 67 6.40 -4.75 -33.37
CA ARG C 67 7.30 -5.74 -33.92
C ARG C 67 8.70 -5.52 -33.34
N GLY C 68 9.50 -6.56 -33.42
CA GLY C 68 10.90 -6.53 -32.98
C GLY C 68 11.05 -6.68 -31.47
N LEU C 69 12.31 -6.80 -31.08
CA LEU C 69 12.70 -6.91 -29.68
C LEU C 69 13.19 -5.54 -29.25
N HIS C 70 12.61 -4.99 -28.18
CA HIS C 70 12.95 -3.67 -27.67
C HIS C 70 13.36 -3.81 -26.20
N ALA C 71 14.18 -2.90 -25.75
CA ALA C 71 14.55 -2.84 -24.33
C ALA C 71 14.76 -1.39 -23.92
N TRP C 72 14.41 -1.10 -22.68
CA TRP C 72 14.68 0.21 -22.09
C TRP C 72 14.98 0.05 -20.60
N GLU C 73 15.78 0.99 -20.08
CA GLU C 73 16.15 1.00 -18.70
C GLU C 73 15.27 2.03 -17.98
N ILE C 74 14.64 1.59 -16.90
CA ILE C 74 13.91 2.45 -16.01
C ILE C 74 14.77 2.70 -14.76
N SER C 75 14.94 3.99 -14.43
CA SER C 75 15.62 4.36 -13.14
C SER C 75 14.59 4.97 -12.23
N TRP C 76 14.39 4.33 -11.07
CA TRP C 76 13.35 4.74 -10.14
C TRP C 76 13.93 4.64 -8.73
N PRO C 77 14.35 5.78 -8.17
CA PRO C 77 14.95 5.75 -6.84
C PRO C 77 14.14 5.02 -5.77
N LEU C 78 14.84 4.27 -4.92
CA LEU C 78 14.14 3.40 -3.97
C LEU C 78 13.35 4.22 -2.94
N GLU C 79 13.82 5.42 -2.64
CA GLU C 79 13.14 6.26 -1.65
C GLU C 79 11.98 7.07 -2.28
N GLN C 80 11.66 6.86 -3.58
CA GLN C 80 10.61 7.64 -4.29
C GLN C 80 9.57 6.69 -4.89
N ARG C 81 9.30 5.55 -4.21
CA ARG C 81 8.34 4.57 -4.73
C ARG C 81 7.02 4.61 -3.95
N GLY C 82 7.09 4.71 -2.63
CA GLY C 82 5.86 4.74 -1.84
C GLY C 82 5.08 3.45 -2.01
N THR C 83 3.76 3.57 -1.97
CA THR C 83 2.88 2.40 -1.79
C THR C 83 2.73 1.57 -3.05
N HIS C 84 2.84 2.20 -4.24
CA HIS C 84 2.52 1.56 -5.51
C HIS C 84 3.40 2.15 -6.64
N ALA C 85 4.43 1.41 -7.01
CA ALA C 85 5.38 1.69 -8.04
C ALA C 85 5.33 0.53 -9.04
N VAL C 86 4.81 0.76 -10.24
CA VAL C 86 4.58 -0.32 -11.20
C VAL C 86 5.20 0.04 -12.55
N VAL C 87 5.90 -0.96 -13.16
CA VAL C 87 6.67 -0.77 -14.32
C VAL C 87 6.23 -1.76 -15.43
N GLY C 88 5.96 -1.30 -16.65
CA GLY C 88 5.52 -2.25 -17.63
C GLY C 88 5.19 -1.58 -18.96
N VAL C 89 4.08 -1.96 -19.56
CA VAL C 89 3.66 -1.36 -20.81
C VAL C 89 2.15 -1.16 -20.81
N ALA C 90 1.71 -0.39 -21.81
CA ALA C 90 0.29 -0.10 -21.94
C ALA C 90 -0.02 0.05 -23.42
N THR C 91 -1.28 -0.28 -23.78
CA THR C 91 -1.81 0.19 -25.01
C THR C 91 -2.10 1.70 -24.87
N ALA C 92 -2.41 2.32 -26.01
CA ALA C 92 -2.75 3.73 -26.04
C ALA C 92 -4.06 4.05 -25.31
N LEU C 93 -4.86 3.04 -24.93
CA LEU C 93 -6.15 3.21 -24.29
C LEU C 93 -6.07 3.03 -22.77
N ALA C 94 -4.91 2.74 -22.18
CA ALA C 94 -4.93 2.56 -20.72
C ALA C 94 -5.08 3.92 -20.04
N PRO C 95 -5.94 4.02 -19.01
CA PRO C 95 -6.02 5.22 -18.18
C PRO C 95 -4.69 5.52 -17.48
N LEU C 96 -4.30 6.81 -17.44
CA LEU C 96 -3.02 7.23 -16.83
C LEU C 96 -3.23 8.05 -15.56
N GLN C 97 -4.46 8.19 -15.05
CA GLN C 97 -4.63 8.88 -13.77
C GLN C 97 -5.90 8.33 -13.09
N THR C 98 -5.82 8.16 -11.78
CA THR C 98 -7.00 7.75 -10.98
C THR C 98 -6.90 8.45 -9.61
N ASP C 99 -8.06 8.71 -8.98
CA ASP C 99 -8.06 9.54 -7.77
C ASP C 99 -7.95 8.74 -6.50
N HIS C 100 -7.01 7.79 -6.45
CA HIS C 100 -6.68 7.05 -5.23
C HIS C 100 -5.31 6.41 -5.46
N TYR C 101 -4.73 5.89 -4.43
CA TYR C 101 -3.43 5.22 -4.56
C TYR C 101 -3.65 3.75 -4.87
N ALA C 102 -3.09 3.29 -5.99
CA ALA C 102 -3.34 1.92 -6.47
C ALA C 102 -2.29 1.55 -7.52
N ALA C 103 -2.22 0.28 -7.83
CA ALA C 103 -1.41 -0.22 -8.99
C ALA C 103 -2.21 0.00 -10.27
N LEU C 104 -2.24 1.26 -10.71
CA LEU C 104 -3.04 1.65 -11.88
C LEU C 104 -2.57 0.92 -13.13
N LEU C 105 -1.26 0.83 -13.33
CA LEU C 105 -0.74 0.07 -14.46
C LEU C 105 -0.92 -1.43 -14.17
N GLY C 106 -1.71 -2.09 -15.00
CA GLY C 106 -2.00 -3.49 -14.76
C GLY C 106 -3.40 -3.70 -14.19
N SER C 107 -4.15 -2.62 -13.95
CA SER C 107 -5.49 -2.71 -13.32
C SER C 107 -6.61 -2.95 -14.34
N ASN C 108 -6.26 -3.18 -15.59
CA ASN C 108 -7.25 -3.20 -16.66
C ASN C 108 -6.71 -4.06 -17.80
N SER C 109 -7.51 -4.16 -18.86
CA SER C 109 -7.23 -4.93 -20.03
C SER C 109 -6.14 -4.30 -20.91
N GLU C 110 -5.75 -3.04 -20.62
CA GLU C 110 -4.92 -2.24 -21.49
C GLU C 110 -3.50 -2.08 -20.95
N SER C 111 -3.13 -2.75 -19.84
CA SER C 111 -1.87 -2.50 -19.26
C SER C 111 -1.32 -3.75 -18.54
N TRP C 112 0.01 -3.84 -18.45
CA TRP C 112 0.74 -4.96 -17.89
C TRP C 112 1.88 -4.41 -17.03
N GLY C 113 1.96 -4.78 -15.77
CA GLY C 113 3.02 -4.21 -14.93
C GLY C 113 3.57 -5.11 -13.85
N TRP C 114 4.78 -4.80 -13.51
CA TRP C 114 5.45 -5.42 -12.36
C TRP C 114 5.52 -4.39 -11.23
N ASP C 115 5.01 -4.83 -10.07
CA ASP C 115 5.08 -4.03 -8.82
C ASP C 115 6.50 -4.19 -8.34
N ILE C 116 7.28 -3.14 -8.39
CA ILE C 116 8.71 -3.26 -8.08
C ILE C 116 8.91 -3.17 -6.56
N GLY C 117 7.84 -2.91 -5.83
CA GLY C 117 7.92 -2.97 -4.38
C GLY C 117 7.49 -4.31 -3.85
N ARG C 118 6.48 -4.93 -4.47
CA ARG C 118 5.92 -6.18 -3.93
C ARG C 118 6.30 -7.41 -4.73
N GLY C 119 6.80 -7.23 -5.94
CA GLY C 119 7.21 -8.36 -6.78
C GLY C 119 6.07 -8.92 -7.62
N LYS C 120 4.83 -8.40 -7.51
CA LYS C 120 3.68 -9.01 -8.15
C LYS C 120 3.49 -8.51 -9.58
N LEU C 121 2.85 -9.33 -10.38
CA LEU C 121 2.51 -8.99 -11.77
C LEU C 121 1.00 -8.66 -11.87
N TYR C 122 0.69 -7.54 -12.53
CA TYR C 122 -0.67 -7.11 -12.69
C TYR C 122 -1.02 -7.02 -14.18
N HIS C 123 -2.06 -7.74 -14.52
CA HIS C 123 -2.82 -7.52 -15.77
C HIS C 123 -4.30 -7.83 -15.46
N GLN C 124 -5.19 -6.91 -15.78
CA GLN C 124 -6.61 -6.99 -15.37
C GLN C 124 -6.71 -7.35 -13.88
N SER C 125 -5.89 -6.71 -13.03
CA SER C 125 -5.82 -7.07 -11.62
C SER C 125 -6.00 -5.85 -10.71
N LYS C 126 -6.73 -6.04 -9.61
CA LYS C 126 -6.88 -5.07 -8.54
C LYS C 126 -5.83 -5.28 -7.45
N GLY C 127 -5.02 -6.33 -7.56
CA GLY C 127 -3.94 -6.68 -6.64
C GLY C 127 -4.10 -8.10 -6.15
N PRO C 128 -5.26 -8.37 -5.54
CA PRO C 128 -5.47 -9.71 -4.98
C PRO C 128 -5.35 -10.78 -6.06
N GLY C 129 -4.61 -11.84 -5.75
CA GLY C 129 -4.47 -12.99 -6.59
C GLY C 129 -3.34 -12.85 -7.60
N ALA C 130 -2.63 -11.71 -7.58
CA ALA C 130 -1.53 -11.50 -8.52
C ALA C 130 -0.34 -12.43 -8.19
N PRO C 131 0.26 -13.01 -9.21
CA PRO C 131 1.42 -13.89 -9.01
C PRO C 131 2.72 -13.12 -8.74
N GLN C 132 3.73 -13.80 -8.20
CA GLN C 132 5.07 -13.24 -7.98
C GLN C 132 5.96 -13.45 -9.19
N TYR C 133 6.84 -12.51 -9.40
CA TYR C 133 7.87 -12.56 -10.41
C TYR C 133 9.15 -11.98 -9.79
N PRO C 134 10.31 -12.62 -9.96
CA PRO C 134 10.48 -13.84 -10.77
C PRO C 134 9.76 -15.03 -10.16
N ALA C 135 9.46 -16.02 -11.00
CA ALA C 135 8.73 -17.21 -10.58
C ALA C 135 9.38 -17.78 -9.33
N GLY C 136 8.52 -18.06 -8.35
CA GLY C 136 8.90 -18.79 -7.16
C GLY C 136 9.59 -17.94 -6.10
N THR C 137 9.63 -16.61 -6.27
CA THR C 137 10.23 -15.74 -5.25
C THR C 137 9.11 -15.16 -4.38
N GLN C 138 9.50 -14.58 -3.25
CA GLN C 138 8.62 -13.81 -2.40
C GLN C 138 9.11 -12.36 -2.41
N GLY C 139 8.18 -11.40 -2.43
CA GLY C 139 8.50 -9.97 -2.49
C GLY C 139 9.48 -9.54 -1.40
N GLU C 140 9.37 -10.13 -0.21
CA GLU C 140 10.06 -9.62 0.96
C GLU C 140 11.50 -10.14 0.97
N GLN C 141 11.83 -11.03 0.02
CA GLN C 141 13.20 -11.55 -0.14
C GLN C 141 13.95 -10.84 -1.26
N LEU C 142 13.32 -9.87 -1.91
CA LEU C 142 13.99 -9.17 -2.97
C LEU C 142 13.83 -7.67 -2.78
N GLU C 143 14.75 -6.97 -3.44
CA GLU C 143 14.71 -5.55 -3.57
C GLU C 143 15.10 -5.22 -5.01
N VAL C 144 14.15 -4.68 -5.73
CA VAL C 144 14.43 -4.24 -7.08
C VAL C 144 15.26 -2.97 -6.94
N PRO C 145 16.49 -2.93 -7.49
CA PRO C 145 17.39 -1.83 -7.36
C PRO C 145 16.88 -0.63 -8.18
N GLU C 146 17.59 0.49 -8.11
CA GLU C 146 17.13 1.73 -8.76
C GLU C 146 16.96 1.50 -10.27
N ARG C 147 17.85 0.74 -10.92
CA ARG C 147 17.84 0.54 -12.38
C ARG C 147 17.36 -0.87 -12.70
N LEU C 148 16.34 -0.97 -13.56
CA LEU C 148 15.88 -2.24 -14.08
C LEU C 148 15.65 -2.11 -15.58
N LEU C 149 15.83 -3.19 -16.32
CA LEU C 149 15.55 -3.22 -17.74
C LEU C 149 14.20 -3.87 -17.99
N VAL C 150 13.51 -3.29 -18.96
CA VAL C 150 12.22 -3.76 -19.44
C VAL C 150 12.44 -4.28 -20.86
N VAL C 151 12.04 -5.52 -21.09
CA VAL C 151 12.36 -6.22 -22.31
C VAL C 151 11.06 -6.67 -22.96
N LEU C 152 10.75 -6.06 -24.08
CA LEU C 152 9.52 -6.36 -24.80
C LEU C 152 9.84 -7.03 -26.13
N ASP C 153 9.49 -8.31 -26.21
CA ASP C 153 9.74 -9.12 -27.44
C ASP C 153 8.43 -9.21 -28.20
N MET C 154 8.27 -8.39 -29.24
CA MET C 154 7.03 -8.38 -29.96
C MET C 154 7.08 -9.40 -31.12
N GLU C 155 8.14 -10.15 -31.22
CA GLU C 155 8.17 -11.29 -32.18
C GLU C 155 7.49 -12.51 -31.52
N GLU C 156 7.82 -12.74 -30.25
CA GLU C 156 7.24 -13.84 -29.44
C GLU C 156 6.00 -13.33 -28.68
N GLY C 157 5.88 -12.01 -28.50
CA GLY C 157 4.76 -11.42 -27.77
C GLY C 157 4.88 -11.54 -26.26
N THR C 158 6.07 -11.25 -25.72
CA THR C 158 6.30 -11.34 -24.29
C THR C 158 6.85 -10.02 -23.74
N LEU C 159 6.59 -9.80 -22.46
CA LEU C 159 7.24 -8.77 -21.67
C LEU C 159 7.95 -9.43 -20.51
N GLY C 160 9.20 -9.06 -20.31
CA GLY C 160 9.93 -9.48 -19.16
C GLY C 160 10.92 -8.41 -18.73
N TYR C 161 11.78 -8.74 -17.74
CA TYR C 161 12.61 -7.74 -17.10
C TYR C 161 14.00 -8.32 -16.91
N ALA C 162 14.99 -7.45 -16.81
CA ALA C 162 16.35 -7.90 -16.49
C ALA C 162 16.94 -6.98 -15.40
N ILE C 163 17.72 -7.57 -14.52
CA ILE C 163 18.34 -6.83 -13.41
C ILE C 163 19.80 -7.24 -13.37
N GLY C 164 20.68 -6.25 -13.26
CA GLY C 164 22.08 -6.44 -13.51
C GLY C 164 22.22 -6.96 -14.93
N GLY C 165 22.48 -8.26 -15.02
CA GLY C 165 22.70 -8.93 -16.32
C GLY C 165 21.98 -10.25 -16.41
N THR C 166 20.96 -10.44 -15.59
CA THR C 166 20.12 -11.58 -15.67
C THR C 166 18.75 -11.12 -16.23
N TYR C 167 18.40 -11.67 -17.38
CA TYR C 167 16.99 -11.68 -17.79
C TYR C 167 16.25 -12.62 -16.85
N LEU C 168 15.12 -12.18 -16.31
CA LEU C 168 14.42 -12.91 -15.25
C LEU C 168 13.28 -13.78 -15.83
N GLY C 169 13.18 -13.85 -17.15
CA GLY C 169 12.18 -14.66 -17.81
C GLY C 169 10.97 -13.85 -18.26
N PRO C 170 10.12 -14.45 -19.11
CA PRO C 170 8.89 -13.78 -19.51
C PRO C 170 7.93 -13.66 -18.30
N ALA C 171 7.39 -12.47 -18.07
CA ALA C 171 6.41 -12.18 -17.07
C ALA C 171 5.01 -12.29 -17.68
N PHE C 172 4.87 -11.79 -18.89
CA PHE C 172 3.60 -11.75 -19.55
C PHE C 172 3.77 -12.30 -20.95
N ARG C 173 2.71 -12.93 -21.42
CA ARG C 173 2.67 -13.44 -22.79
C ARG C 173 1.38 -12.98 -23.47
N GLY C 174 1.26 -13.30 -24.78
CA GLY C 174 0.05 -13.03 -25.54
C GLY C 174 -0.07 -11.59 -26.03
N LEU C 175 1.05 -10.92 -26.22
CA LEU C 175 1.08 -9.50 -26.55
C LEU C 175 1.21 -9.23 -28.05
N LYS C 176 1.44 -10.26 -28.86
CA LYS C 176 1.65 -10.01 -30.29
C LYS C 176 0.29 -9.60 -30.90
N GLY C 177 0.34 -8.63 -31.81
CA GLY C 177 -0.86 -8.07 -32.42
C GLY C 177 -1.21 -6.69 -31.89
N ARG C 178 -0.66 -6.34 -30.73
CA ARG C 178 -0.93 -5.06 -30.12
C ARG C 178 0.22 -4.09 -30.44
N THR C 179 -0.04 -2.83 -30.13
CA THR C 179 0.95 -1.82 -30.18
C THR C 179 1.13 -1.31 -28.75
N LEU C 180 2.32 -1.51 -28.16
CA LEU C 180 2.51 -1.30 -26.74
C LEU C 180 3.59 -0.25 -26.50
N TYR C 181 3.32 0.59 -25.53
CA TYR C 181 4.13 1.73 -25.13
C TYR C 181 4.76 1.48 -23.74
N PRO C 182 6.03 1.85 -23.58
CA PRO C 182 6.63 1.92 -22.26
C PRO C 182 5.69 2.66 -21.31
N ALA C 183 5.55 2.17 -20.08
CA ALA C 183 4.62 2.82 -19.14
C ALA C 183 5.06 2.53 -17.72
N VAL C 184 4.63 3.43 -16.84
CA VAL C 184 4.72 3.24 -15.39
C VAL C 184 3.49 3.85 -14.75
N SER C 185 3.21 3.48 -13.50
CA SER C 185 2.31 4.28 -12.65
C SER C 185 2.95 4.50 -11.28
N ALA C 186 2.75 5.72 -10.77
CA ALA C 186 3.47 6.25 -9.57
C ALA C 186 2.48 6.98 -8.65
N VAL C 187 2.80 6.99 -7.37
CA VAL C 187 2.03 7.64 -6.31
C VAL C 187 2.86 8.61 -5.48
N TRP C 188 4.18 8.66 -5.68
CA TRP C 188 5.05 9.39 -4.74
C TRP C 188 5.26 10.84 -5.17
N GLY C 189 5.02 11.76 -4.25
CA GLY C 189 5.24 13.19 -4.50
C GLY C 189 6.69 13.47 -4.85
N GLN C 190 6.94 14.10 -6.01
CA GLN C 190 8.29 14.48 -6.46
C GLN C 190 9.05 13.27 -7.00
N CYS C 191 8.42 12.11 -7.17
CA CYS C 191 9.27 11.03 -7.73
C CYS C 191 9.72 11.37 -9.14
N GLN C 192 10.97 10.94 -9.40
CA GLN C 192 11.62 11.21 -10.64
C GLN C 192 12.01 9.89 -11.29
N VAL C 193 11.41 9.62 -12.44
CA VAL C 193 11.56 8.34 -13.12
C VAL C 193 12.15 8.55 -14.51
N ARG C 194 13.32 7.98 -14.72
CA ARG C 194 14.04 8.07 -16.01
C ARG C 194 13.72 6.87 -16.87
N ILE C 195 13.58 7.11 -18.17
CA ILE C 195 13.52 6.04 -19.19
C ILE C 195 14.65 6.24 -20.19
N ARG C 196 15.48 5.21 -20.36
CA ARG C 196 16.58 5.23 -21.31
C ARG C 196 16.40 4.05 -22.28
N TYR C 197 15.92 4.37 -23.48
CA TYR C 197 15.73 3.38 -24.52
C TYR C 197 17.10 2.78 -24.91
N LEU C 198 17.14 1.47 -25.01
CA LEU C 198 18.37 0.71 -25.31
C LEU C 198 18.35 0.16 -26.73
N GLY C 199 17.27 0.31 -27.46
CA GLY C 199 17.25 -0.02 -28.89
C GLY C 199 16.37 -1.21 -29.19
N GLU C 200 16.49 -1.65 -30.46
CA GLU C 200 15.64 -2.65 -31.07
C GLU C 200 16.52 -3.70 -31.79
N ARG C 201 16.13 -4.95 -31.75
CA ARG C 201 16.74 -5.95 -32.64
C ARG C 201 15.64 -6.58 -33.51
N ARG D 1 -2.98 18.22 4.75
CA ARG D 1 -2.51 18.74 6.04
C ARG D 1 -1.58 17.63 6.60
N GLY D 2 -1.33 16.62 5.73
CA GLY D 2 -0.01 15.87 5.57
C GLY D 2 -0.27 14.50 4.98
N ASP D 3 0.11 14.17 3.72
CA ASP D 3 -0.37 12.89 3.30
C ASP D 3 0.78 11.86 3.37
N ILE D 4 0.41 10.58 3.28
CA ILE D 4 1.39 9.55 2.99
C ILE D 4 1.83 9.77 1.54
N ASN D 5 2.80 8.98 1.14
CA ASN D 5 3.32 8.98 -0.26
C ASN D 5 3.93 10.34 -0.65
N ASN D 6 4.33 11.14 0.36
CA ASN D 6 5.01 12.39 0.13
C ASN D 6 4.14 13.38 -0.64
N ASN D 7 2.81 13.34 -0.41
CA ASN D 7 1.92 14.25 -1.07
C ASN D 7 1.38 15.30 -0.09
N VAL D 8 0.79 16.31 -0.67
CA VAL D 8 0.38 17.48 0.12
C VAL D 8 -0.68 17.04 1.13
N GLU D 9 -0.58 17.83 2.17
CA GLU D 9 -1.10 17.65 3.42
C GLU D 9 -2.28 18.59 3.70
#